data_1NDW
#
_entry.id   1NDW
#
_cell.length_a   77.630
_cell.length_b   77.630
_cell.length_c   135.660
_cell.angle_alpha   90.00
_cell.angle_beta   90.00
_cell.angle_gamma   90.00
#
_symmetry.space_group_name_H-M   'P 43 21 2'
#
loop_
_entity.id
_entity.type
_entity.pdbx_description
1 polymer 'Adenosine Deaminase'
2 non-polymer 'ZINC ION'
3 non-polymer 1-((1R)-1-(HYDROXYMETHYL)-3-PHENYLPROPYL)-1H-IMIDAZOLE-4-CARBOXAMIDE
4 water water
#
_entity_poly.entity_id   1
_entity_poly.type   'polypeptide(L)'
_entity_poly.pdbx_seq_one_letter_code
;AQTPAFDKPKVELHVHLDGAIKPETILYYGKRRGIALPADTPEELQNIIGMDKPLTLPDFLAKFDYYMPAIAGCRDAIKR
IAYEFVEMKAKDGVVYVEVRYSPHLLANSKVEPIPWNQAEGDLTPDEVVSLVNQGLQEGERDFGVKVRSILCCMRHQPSW
SSEVVELCKKYREQTVVAIDLAGDETIEGSSLFPGHVQAYAEAVKSGVHRTVHAGEVGSANVVKEAVDTLKTERLGHGYH
TLEDTTLYNRLRQENMHFEICPWSSYLTGAWKPDTEHAVIRFKNDQVNYSLNTDDPLIFKSTLDTDYQMTKKDMGFTEEE
FKRLNINAAKSSFLPEDEKKELLDLLYKAYRMPSPA
;
_entity_poly.pdbx_strand_id   A
#
# COMPACT_ATOMS: atom_id res chain seq x y z
N THR A 3 1.92 18.39 19.27
CA THR A 3 1.64 16.93 19.46
C THR A 3 2.23 15.87 18.44
N PRO A 4 2.36 16.18 17.10
CA PRO A 4 2.96 15.19 16.19
C PRO A 4 4.27 14.56 16.66
N ALA A 5 4.43 13.25 16.48
CA ALA A 5 5.67 12.64 17.01
C ALA A 5 6.95 12.99 16.27
N PHE A 6 6.74 13.32 15.02
CA PHE A 6 7.77 13.63 14.01
C PHE A 6 7.23 14.68 12.96
N ASP A 7 7.45 15.94 13.45
CA ASP A 7 6.93 17.09 12.66
C ASP A 7 7.83 17.63 11.58
N LYS A 8 8.16 16.68 10.65
CA LYS A 8 9.09 17.04 9.65
C LYS A 8 8.61 16.39 8.34
N PRO A 9 9.12 16.74 7.20
CA PRO A 9 8.64 15.96 6.02
C PRO A 9 8.89 14.37 6.13
N LYS A 10 7.92 13.65 5.60
CA LYS A 10 8.16 12.16 5.44
C LYS A 10 7.93 11.63 4.04
N VAL A 11 8.30 10.36 3.89
CA VAL A 11 8.03 9.67 2.65
C VAL A 11 7.27 8.33 2.91
N GLU A 12 6.31 8.00 2.10
CA GLU A 12 5.50 6.81 2.41
C GLU A 12 5.42 5.87 1.21
N LEU A 13 5.82 4.61 1.54
CA LEU A 13 5.86 3.74 0.38
C LEU A 13 4.80 2.60 0.35
N HIS A 14 4.05 2.48 1.40
CA HIS A 14 3.05 1.40 1.55
C HIS A 14 1.63 1.87 2.11
N VAL A 15 0.75 2.20 1.20
CA VAL A 15 -0.56 2.63 1.46
C VAL A 15 -1.48 2.30 0.23
N HIS A 16 -2.67 1.68 0.59
CA HIS A 16 -3.51 1.24 -0.50
C HIS A 16 -4.60 2.30 -0.75
N LEU A 17 -4.69 2.71 -1.98
CA LEU A 17 -5.72 3.73 -2.30
C LEU A 17 -7.20 3.33 -1.80
N ASP A 18 -7.50 2.07 -2.02
CA ASP A 18 -8.82 1.51 -1.62
C ASP A 18 -9.05 1.32 -0.19
N GLY A 19 -7.99 1.44 0.53
CA GLY A 19 -8.14 1.52 1.97
C GLY A 19 -7.84 2.89 2.57
N ALA A 20 -7.95 3.92 1.71
CA ALA A 20 -7.63 5.36 2.14
C ALA A 20 -8.59 6.39 1.44
N ILE A 21 -9.90 6.02 1.57
CA ILE A 21 -11.07 6.80 1.16
C ILE A 21 -11.73 7.48 2.39
N LYS A 22 -12.15 8.71 2.12
CA LYS A 22 -12.93 9.53 3.09
C LYS A 22 -14.34 8.96 3.28
N PRO A 23 -14.71 8.69 4.50
CA PRO A 23 -16.09 8.23 4.73
C PRO A 23 -17.13 9.11 4.04
N GLU A 24 -16.79 10.43 4.15
CA GLU A 24 -17.65 11.42 3.46
C GLU A 24 -17.80 11.19 1.98
N THR A 25 -16.75 10.78 1.34
CA THR A 25 -17.02 10.48 -0.12
C THR A 25 -17.78 9.20 -0.39
N ILE A 26 -17.57 8.24 0.55
CA ILE A 26 -18.26 6.93 0.37
C ILE A 26 -19.75 7.23 0.38
N LEU A 27 -20.10 7.94 1.52
CA LEU A 27 -21.48 8.47 1.71
C LEU A 27 -22.04 9.21 0.56
N TYR A 28 -21.25 10.12 0.05
CA TYR A 28 -21.73 10.80 -1.11
C TYR A 28 -22.20 9.92 -2.30
N TYR A 29 -21.28 9.10 -2.80
CA TYR A 29 -21.58 8.23 -3.93
C TYR A 29 -22.61 7.15 -3.62
N GLY A 30 -22.48 6.69 -2.36
CA GLY A 30 -23.46 5.70 -1.85
C GLY A 30 -24.88 6.19 -2.03
N LYS A 31 -25.09 7.28 -1.24
CA LYS A 31 -26.28 8.13 -1.41
C LYS A 31 -26.64 8.43 -2.86
N ARG A 32 -25.72 9.11 -3.55
CA ARG A 32 -25.98 9.51 -4.94
C ARG A 32 -26.26 8.44 -5.97
N ARG A 33 -25.92 7.17 -5.64
CA ARG A 33 -25.96 5.99 -6.55
C ARG A 33 -26.96 4.90 -6.16
N GLY A 34 -27.54 5.19 -5.01
CA GLY A 34 -28.33 4.14 -4.40
C GLY A 34 -27.60 2.87 -3.99
N ILE A 35 -26.33 3.05 -3.52
CA ILE A 35 -25.84 1.77 -3.02
C ILE A 35 -26.26 1.23 -1.67
N ALA A 36 -26.13 1.99 -0.58
CA ALA A 36 -26.69 1.47 0.72
C ALA A 36 -25.80 0.92 1.77
N LEU A 37 -25.25 1.95 2.33
CA LEU A 37 -24.33 1.88 3.46
C LEU A 37 -24.92 1.41 4.81
N PRO A 38 -24.04 0.79 5.63
CA PRO A 38 -24.42 0.47 6.98
C PRO A 38 -24.86 1.59 7.89
N ALA A 39 -24.91 2.86 7.40
CA ALA A 39 -24.98 4.00 8.33
C ALA A 39 -25.11 5.27 7.60
N ASP A 40 -25.82 6.29 8.12
CA ASP A 40 -25.78 7.44 7.23
C ASP A 40 -25.23 8.78 7.54
N THR A 41 -24.39 8.81 8.56
CA THR A 41 -23.52 10.00 8.63
C THR A 41 -22.01 9.63 8.60
N PRO A 42 -21.22 10.59 8.10
CA PRO A 42 -19.77 10.32 8.07
C PRO A 42 -19.26 9.62 9.30
N GLU A 43 -19.50 10.26 10.43
CA GLU A 43 -18.96 9.70 11.67
C GLU A 43 -19.31 8.27 12.06
N GLU A 44 -20.56 7.90 11.72
CA GLU A 44 -20.96 6.47 11.99
C GLU A 44 -20.33 5.38 11.13
N LEU A 45 -20.38 5.67 9.81
CA LEU A 45 -19.60 4.87 8.83
C LEU A 45 -18.18 4.64 9.34
N GLN A 46 -17.47 5.76 9.47
CA GLN A 46 -16.15 5.59 10.09
C GLN A 46 -16.02 4.62 11.23
N ASN A 47 -16.86 4.74 12.31
CA ASN A 47 -16.54 3.72 13.32
C ASN A 47 -17.07 2.29 13.06
N ILE A 48 -18.05 2.15 12.13
CA ILE A 48 -18.41 0.84 11.53
C ILE A 48 -17.33 0.06 10.65
N ILE A 49 -16.90 0.75 9.54
CA ILE A 49 -15.66 0.27 8.80
C ILE A 49 -14.35 0.29 9.52
N GLY A 50 -14.10 1.35 10.24
CA GLY A 50 -13.01 1.21 11.21
C GLY A 50 -12.81 0.00 12.16
N MET A 51 -11.59 -0.14 12.63
CA MET A 51 -11.50 -1.21 13.58
C MET A 51 -10.65 -0.85 14.78
N ASP A 52 -10.96 -1.52 15.93
CA ASP A 52 -9.92 -1.45 16.96
C ASP A 52 -9.51 -2.75 17.71
N LYS A 53 -10.05 -3.85 17.17
CA LYS A 53 -9.37 -5.08 17.52
C LYS A 53 -9.02 -5.96 16.37
N PRO A 54 -7.95 -6.77 16.53
CA PRO A 54 -7.90 -7.92 15.66
C PRO A 54 -9.19 -8.68 15.42
N LEU A 55 -9.25 -9.21 14.21
CA LEU A 55 -10.46 -9.71 13.59
C LEU A 55 -10.14 -10.98 12.86
N THR A 56 -11.20 -11.79 12.72
CA THR A 56 -10.98 -12.65 11.55
C THR A 56 -10.69 -11.94 10.24
N LEU A 57 -9.97 -12.73 9.41
CA LEU A 57 -9.87 -12.49 7.98
C LEU A 57 -11.21 -12.25 7.19
N PRO A 58 -12.21 -13.23 7.33
CA PRO A 58 -13.53 -12.94 6.76
C PRO A 58 -14.12 -11.63 7.17
N ASP A 59 -14.12 -11.35 8.52
CA ASP A 59 -14.57 -10.05 9.00
C ASP A 59 -13.81 -8.79 8.39
N PHE A 60 -12.49 -8.97 8.36
CA PHE A 60 -11.72 -7.87 7.66
C PHE A 60 -12.07 -7.62 6.21
N LEU A 61 -12.05 -8.71 5.39
CA LEU A 61 -12.48 -8.55 4.02
C LEU A 61 -13.91 -7.99 3.74
N ALA A 62 -14.83 -8.43 4.66
CA ALA A 62 -16.19 -7.88 4.49
C ALA A 62 -16.39 -6.34 4.51
N LYS A 63 -15.43 -5.72 5.25
CA LYS A 63 -15.35 -4.26 5.18
C LYS A 63 -15.35 -3.70 3.75
N PHE A 64 -14.60 -4.38 2.85
CA PHE A 64 -14.55 -3.81 1.49
C PHE A 64 -15.95 -3.92 0.74
N ASP A 65 -16.84 -4.86 1.20
CA ASP A 65 -18.29 -4.82 0.73
C ASP A 65 -19.22 -3.67 1.06
N TYR A 66 -19.16 -3.35 2.37
CA TYR A 66 -19.75 -2.09 2.84
C TYR A 66 -19.44 -1.00 1.90
N TYR A 67 -18.12 -0.90 1.68
CA TYR A 67 -17.79 0.34 1.04
C TYR A 67 -17.47 0.35 -0.41
N MET A 68 -16.69 -0.65 -0.87
CA MET A 68 -16.36 -0.61 -2.31
C MET A 68 -17.40 -0.41 -3.40
N PRO A 69 -18.59 -1.05 -3.33
CA PRO A 69 -19.61 -0.83 -4.39
C PRO A 69 -20.01 0.58 -4.59
N ALA A 70 -19.89 1.38 -3.53
CA ALA A 70 -20.12 2.86 -3.65
C ALA A 70 -19.16 3.60 -4.64
N ILE A 71 -17.87 3.14 -4.70
CA ILE A 71 -16.99 3.79 -5.69
C ILE A 71 -16.68 3.06 -6.96
N ALA A 72 -16.48 1.74 -6.81
CA ALA A 72 -16.20 0.93 -8.02
C ALA A 72 -17.25 1.16 -9.10
N GLY A 73 -16.75 1.24 -10.29
CA GLY A 73 -17.68 1.37 -11.39
C GLY A 73 -18.12 2.77 -11.74
N CYS A 74 -17.83 3.71 -10.85
CA CYS A 74 -18.20 5.12 -11.02
C CYS A 74 -17.00 6.00 -11.44
N ARG A 75 -16.82 6.25 -12.73
CA ARG A 75 -15.80 7.28 -13.06
C ARG A 75 -15.46 8.48 -12.19
N ASP A 76 -16.51 9.28 -11.79
CA ASP A 76 -16.39 10.50 -10.96
C ASP A 76 -15.56 10.18 -9.74
N ALA A 77 -16.00 9.08 -9.11
CA ALA A 77 -15.55 8.76 -7.77
C ALA A 77 -14.14 8.10 -7.66
N ILE A 78 -13.84 7.40 -8.77
CA ILE A 78 -12.52 6.85 -8.96
C ILE A 78 -11.50 7.97 -9.09
N LYS A 79 -11.91 9.01 -9.99
CA LYS A 79 -10.97 10.16 -10.02
C LYS A 79 -10.94 10.96 -8.70
N ARG A 80 -12.15 10.94 -8.06
CA ARG A 80 -12.14 11.72 -6.83
C ARG A 80 -11.38 11.19 -5.63
N ILE A 81 -11.46 9.84 -5.50
CA ILE A 81 -10.67 9.24 -4.41
C ILE A 81 -9.16 9.49 -4.54
N ALA A 82 -8.76 9.52 -5.75
CA ALA A 82 -7.28 9.69 -6.08
C ALA A 82 -6.81 11.15 -5.77
N TYR A 83 -7.62 12.15 -6.14
CA TYR A 83 -7.36 13.58 -5.75
C TYR A 83 -7.36 13.86 -4.28
N GLU A 84 -8.44 13.31 -3.68
CA GLU A 84 -8.60 13.32 -2.23
C GLU A 84 -7.58 12.58 -1.43
N PHE A 85 -7.13 11.52 -2.00
CA PHE A 85 -5.89 10.85 -1.34
C PHE A 85 -4.69 11.83 -1.19
N VAL A 86 -4.47 12.61 -2.26
CA VAL A 86 -3.19 13.37 -2.21
C VAL A 86 -3.32 14.49 -1.18
N GLU A 87 -4.58 15.04 -1.23
CA GLU A 87 -4.91 16.01 -0.15
C GLU A 87 -4.62 15.55 1.30
N MET A 88 -4.96 14.21 1.49
CA MET A 88 -4.74 13.60 2.79
C MET A 88 -3.32 13.48 3.14
N LYS A 89 -2.54 13.11 2.11
CA LYS A 89 -1.06 12.97 2.45
C LYS A 89 -0.33 14.30 2.72
N ALA A 90 -0.87 15.34 2.04
CA ALA A 90 -0.46 16.76 2.48
C ALA A 90 -0.54 17.15 3.93
N LYS A 91 -1.77 16.88 4.48
CA LYS A 91 -1.89 17.13 5.90
C LYS A 91 -1.08 16.25 6.76
N ASP A 92 -0.68 15.01 6.28
CA ASP A 92 0.35 14.36 7.17
C ASP A 92 1.85 14.79 7.03
N GLY A 93 2.09 15.73 6.12
CA GLY A 93 3.47 16.16 6.04
C GLY A 93 4.35 15.28 5.12
N VAL A 94 3.69 14.58 4.22
CA VAL A 94 4.52 13.75 3.30
C VAL A 94 4.88 14.55 2.02
N VAL A 95 6.19 14.40 1.63
CA VAL A 95 6.63 15.04 0.36
C VAL A 95 6.70 14.15 -0.94
N TYR A 96 6.56 12.78 -0.66
CA TYR A 96 6.66 11.72 -1.70
C TYR A 96 5.94 10.48 -1.08
N VAL A 97 5.06 10.00 -1.92
CA VAL A 97 4.30 8.79 -1.55
C VAL A 97 4.07 7.89 -2.79
N GLU A 98 4.16 6.50 -2.59
CA GLU A 98 3.77 5.60 -3.66
C GLU A 98 2.42 5.00 -3.19
N VAL A 99 1.34 5.15 -4.04
CA VAL A 99 0.08 4.57 -3.61
C VAL A 99 -0.23 3.36 -4.51
N ARG A 100 -0.87 2.40 -3.90
CA ARG A 100 -1.10 1.17 -4.62
C ARG A 100 -2.55 0.76 -4.54
N TYR A 101 -2.97 0.05 -5.59
CA TYR A 101 -4.31 -0.45 -5.67
C TYR A 101 -4.41 -1.44 -6.84
N SER A 102 -5.50 -2.31 -6.77
CA SER A 102 -5.78 -3.18 -7.90
C SER A 102 -6.87 -2.48 -8.77
N PRO A 103 -6.48 -2.19 -9.97
CA PRO A 103 -7.40 -1.71 -10.86
C PRO A 103 -8.54 -2.61 -11.29
N HIS A 104 -8.31 -3.92 -11.35
CA HIS A 104 -9.45 -4.76 -11.63
C HIS A 104 -10.60 -4.48 -10.57
N LEU A 105 -10.19 -4.25 -9.37
CA LEU A 105 -11.15 -4.20 -8.29
C LEU A 105 -12.05 -2.90 -8.18
N LEU A 106 -11.73 -1.88 -9.02
CA LEU A 106 -12.65 -0.75 -9.25
C LEU A 106 -13.44 -0.81 -10.54
N ALA A 107 -13.14 -1.89 -11.33
CA ALA A 107 -13.74 -2.11 -12.62
C ALA A 107 -15.11 -2.89 -12.50
N ASN A 108 -15.93 -2.58 -13.45
CA ASN A 108 -17.20 -3.31 -13.62
C ASN A 108 -17.42 -3.80 -15.08
N SER A 109 -16.35 -3.75 -15.83
CA SER A 109 -16.45 -4.27 -17.22
C SER A 109 -15.12 -4.79 -17.80
N LYS A 110 -15.21 -5.78 -18.69
CA LYS A 110 -14.03 -6.58 -19.11
C LYS A 110 -13.06 -7.04 -17.95
N VAL A 111 -13.75 -7.62 -16.96
CA VAL A 111 -13.17 -8.17 -15.73
C VAL A 111 -13.99 -9.36 -15.09
N GLU A 112 -13.34 -10.53 -15.01
CA GLU A 112 -14.08 -11.79 -14.71
C GLU A 112 -13.31 -12.48 -13.55
N PRO A 113 -13.96 -12.78 -12.43
CA PRO A 113 -15.30 -12.34 -12.17
C PRO A 113 -15.29 -10.84 -11.96
N ILE A 114 -16.45 -10.23 -12.29
CA ILE A 114 -16.78 -8.88 -11.76
C ILE A 114 -16.82 -8.72 -10.24
N PRO A 115 -16.01 -7.72 -9.73
CA PRO A 115 -15.95 -7.68 -8.23
C PRO A 115 -17.20 -7.17 -7.47
N TRP A 116 -17.24 -7.53 -6.19
CA TRP A 116 -18.20 -6.94 -5.25
C TRP A 116 -19.64 -7.15 -5.70
N ASN A 117 -19.88 -8.23 -6.49
CA ASN A 117 -21.28 -8.37 -6.92
C ASN A 117 -21.91 -7.23 -7.72
N GLN A 118 -21.05 -6.54 -8.48
CA GLN A 118 -21.53 -5.43 -9.29
C GLN A 118 -22.27 -6.01 -10.45
N ALA A 119 -23.24 -5.19 -10.87
CA ALA A 119 -23.65 -5.56 -12.22
C ALA A 119 -22.68 -5.09 -13.34
N GLU A 120 -22.93 -5.50 -14.53
CA GLU A 120 -21.93 -5.13 -15.53
C GLU A 120 -22.07 -3.74 -16.06
N GLY A 121 -21.15 -2.89 -15.70
CA GLY A 121 -21.25 -1.70 -16.46
C GLY A 121 -20.30 -1.54 -17.59
N ASP A 122 -19.71 -0.34 -17.76
CA ASP A 122 -18.74 -0.10 -18.84
C ASP A 122 -17.41 0.52 -18.45
N LEU A 123 -17.05 0.27 -17.21
CA LEU A 123 -15.76 0.88 -16.81
C LEU A 123 -14.65 -0.25 -16.73
N THR A 124 -13.71 -0.09 -17.58
CA THR A 124 -12.67 -1.09 -17.67
C THR A 124 -11.42 -0.98 -16.73
N PRO A 125 -10.61 -2.06 -16.56
CA PRO A 125 -9.45 -1.82 -15.68
C PRO A 125 -8.49 -0.78 -16.31
N ASP A 126 -8.36 -0.80 -17.61
CA ASP A 126 -7.40 0.14 -18.21
C ASP A 126 -7.90 1.66 -17.99
N GLU A 127 -9.25 1.87 -18.14
CA GLU A 127 -9.79 3.17 -17.77
C GLU A 127 -9.68 3.59 -16.34
N VAL A 128 -9.87 2.54 -15.47
CA VAL A 128 -9.56 2.80 -14.11
C VAL A 128 -8.10 3.39 -13.86
N VAL A 129 -7.11 2.75 -14.55
CA VAL A 129 -5.78 3.34 -14.30
C VAL A 129 -5.62 4.87 -14.75
N SER A 130 -6.14 5.24 -15.94
CA SER A 130 -6.10 6.68 -16.26
C SER A 130 -6.96 7.58 -15.45
N LEU A 131 -8.17 7.20 -14.99
CA LEU A 131 -8.78 8.02 -14.03
C LEU A 131 -8.01 8.20 -12.68
N VAL A 132 -7.39 7.05 -12.22
CA VAL A 132 -6.57 7.35 -11.01
C VAL A 132 -5.32 8.22 -11.39
N ASN A 133 -4.69 7.99 -12.50
CA ASN A 133 -3.56 8.84 -12.89
C ASN A 133 -3.82 10.43 -12.91
N GLN A 134 -4.88 10.78 -13.62
CA GLN A 134 -5.53 12.08 -13.46
C GLN A 134 -5.83 12.63 -12.10
N GLY A 135 -6.57 11.86 -11.31
CA GLY A 135 -6.79 12.35 -9.94
C GLY A 135 -5.43 12.62 -9.16
N LEU A 136 -4.50 11.59 -9.30
CA LEU A 136 -3.18 11.73 -8.64
C LEU A 136 -2.27 12.96 -9.15
N GLN A 137 -2.26 13.12 -10.47
CA GLN A 137 -1.48 14.23 -11.05
C GLN A 137 -2.07 15.70 -10.80
N GLU A 138 -3.40 15.77 -10.93
CA GLU A 138 -4.04 17.08 -10.59
C GLU A 138 -3.89 17.35 -9.04
N GLY A 139 -4.10 16.28 -8.15
CA GLY A 139 -3.67 16.31 -6.75
C GLY A 139 -2.25 16.79 -6.43
N GLU A 140 -1.25 16.23 -7.15
CA GLU A 140 0.17 16.63 -7.00
C GLU A 140 0.47 18.17 -7.26
N ARG A 141 -0.05 18.60 -8.36
CA ARG A 141 -0.01 19.98 -8.73
C ARG A 141 -0.74 20.95 -7.82
N ASP A 142 -1.82 20.52 -7.12
CA ASP A 142 -2.47 21.42 -6.15
C ASP A 142 -2.03 21.46 -4.69
N PHE A 143 -1.60 20.25 -4.21
CA PHE A 143 -1.17 20.03 -2.89
C PHE A 143 0.27 19.96 -2.60
N GLY A 144 1.08 19.88 -3.64
CA GLY A 144 2.51 19.95 -3.39
C GLY A 144 3.14 18.62 -2.91
N VAL A 145 2.52 17.49 -3.28
CA VAL A 145 3.11 16.16 -2.92
C VAL A 145 3.55 15.43 -4.08
N LYS A 146 4.79 14.89 -4.09
CA LYS A 146 5.08 14.15 -5.25
C LYS A 146 4.55 12.65 -5.11
N VAL A 147 3.85 12.19 -6.16
CA VAL A 147 3.05 10.96 -6.09
C VAL A 147 3.27 10.00 -7.27
N ARG A 148 3.63 8.72 -6.90
CA ARG A 148 3.53 7.76 -7.96
C ARG A 148 2.62 6.56 -7.52
N SER A 149 2.22 5.79 -8.50
CA SER A 149 1.51 4.64 -8.11
C SER A 149 2.15 3.26 -8.47
N ILE A 150 1.53 2.25 -7.86
CA ILE A 150 1.90 0.84 -8.05
C ILE A 150 0.57 -0.01 -8.19
N LEU A 151 0.48 -0.74 -9.31
CA LEU A 151 -0.65 -1.65 -9.44
C LEU A 151 -0.47 -3.06 -8.90
N CYS A 152 -1.50 -3.58 -8.22
CA CYS A 152 -1.38 -4.86 -7.55
C CYS A 152 -2.01 -5.95 -8.42
N CYS A 153 -1.25 -7.02 -8.73
CA CYS A 153 -1.91 -8.36 -8.88
C CYS A 153 -2.54 -8.78 -7.51
N MET A 154 -3.46 -9.71 -7.62
CA MET A 154 -4.17 -10.37 -6.41
C MET A 154 -3.89 -11.89 -6.38
N ARG A 155 -3.36 -12.34 -5.16
CA ARG A 155 -2.95 -13.71 -4.95
C ARG A 155 -3.95 -14.73 -5.59
N HIS A 156 -5.23 -14.56 -5.32
CA HIS A 156 -6.24 -15.56 -5.73
C HIS A 156 -6.64 -15.49 -7.14
N GLN A 157 -6.08 -14.46 -7.83
CA GLN A 157 -6.52 -14.32 -9.24
C GLN A 157 -5.37 -14.09 -10.26
N PRO A 158 -4.51 -15.17 -10.44
CA PRO A 158 -3.37 -15.04 -11.32
C PRO A 158 -3.65 -14.80 -12.71
N SER A 159 -4.90 -15.07 -13.07
CA SER A 159 -5.25 -14.70 -14.47
C SER A 159 -5.45 -13.17 -14.77
N TRP A 160 -5.39 -12.32 -13.72
CA TRP A 160 -5.37 -10.84 -14.02
C TRP A 160 -3.90 -10.36 -14.25
N SER A 161 -2.94 -11.24 -13.84
CA SER A 161 -1.62 -10.57 -13.63
C SER A 161 -0.79 -10.06 -14.82
N SER A 162 -1.01 -10.80 -15.91
CA SER A 162 -0.42 -10.20 -17.10
C SER A 162 -1.05 -8.91 -17.61
N GLU A 163 -2.37 -8.69 -17.30
CA GLU A 163 -3.03 -7.38 -17.49
C GLU A 163 -2.38 -6.30 -16.62
N VAL A 164 -2.16 -6.62 -15.31
CA VAL A 164 -1.32 -5.85 -14.45
C VAL A 164 0.00 -5.38 -15.03
N VAL A 165 0.88 -6.34 -15.34
CA VAL A 165 2.14 -5.80 -15.79
C VAL A 165 2.05 -4.92 -17.07
N GLU A 166 1.14 -5.31 -17.92
CA GLU A 166 0.90 -4.67 -19.23
C GLU A 166 0.39 -3.24 -19.00
N LEU A 167 -0.56 -3.18 -18.07
CA LEU A 167 -0.84 -1.83 -17.52
C LEU A 167 0.35 -1.01 -16.94
N CYS A 168 1.13 -1.54 -16.00
CA CYS A 168 2.33 -0.83 -15.62
C CYS A 168 3.26 -0.30 -16.72
N LYS A 169 3.33 -1.20 -17.82
CA LYS A 169 4.25 -0.73 -18.93
C LYS A 169 3.57 0.38 -19.85
N LYS A 170 2.30 0.18 -20.09
CA LYS A 170 1.44 1.16 -20.76
C LYS A 170 1.38 2.51 -20.11
N TYR A 171 1.03 2.62 -18.81
CA TYR A 171 1.12 3.91 -18.06
C TYR A 171 2.45 4.27 -17.35
N ARG A 172 3.60 3.76 -17.83
CA ARG A 172 4.80 3.96 -16.96
C ARG A 172 5.38 5.43 -16.91
N GLU A 173 5.93 5.77 -15.72
CA GLU A 173 6.05 7.06 -14.94
C GLU A 173 4.92 8.15 -14.92
N GLN A 174 3.74 7.76 -15.59
CA GLN A 174 2.51 8.53 -15.70
C GLN A 174 1.26 7.99 -15.00
N THR A 175 1.33 7.69 -13.77
CA THR A 175 2.36 7.76 -12.72
C THR A 175 2.85 6.34 -12.25
N VAL A 176 2.56 5.32 -13.10
CA VAL A 176 2.90 3.98 -12.47
C VAL A 176 4.34 3.56 -12.60
N VAL A 177 4.88 3.20 -11.47
CA VAL A 177 6.25 2.89 -11.44
C VAL A 177 6.58 1.41 -10.97
N ALA A 178 5.56 0.64 -10.53
CA ALA A 178 5.86 -0.68 -10.08
C ALA A 178 4.63 -1.57 -10.05
N ILE A 179 4.96 -2.88 -9.82
CA ILE A 179 3.89 -3.88 -9.57
C ILE A 179 3.99 -4.47 -8.19
N ASP A 180 2.81 -4.89 -7.65
CA ASP A 180 2.84 -5.49 -6.35
C ASP A 180 1.98 -6.77 -6.45
N LEU A 181 2.12 -7.48 -5.40
CA LEU A 181 1.24 -8.69 -5.22
C LEU A 181 0.60 -8.66 -3.84
N ALA A 182 -0.73 -8.55 -3.93
CA ALA A 182 -1.50 -8.25 -2.70
C ALA A 182 -2.56 -9.38 -2.57
N GLY A 183 -3.23 -9.43 -1.40
CA GLY A 183 -4.31 -10.37 -0.91
C GLY A 183 -3.85 -11.44 0.05
N ASP A 184 -4.41 -12.67 -0.15
CA ASP A 184 -4.22 -13.58 0.97
C ASP A 184 -2.91 -14.32 0.81
N GLU A 185 -1.90 -13.84 1.51
CA GLU A 185 -0.64 -14.58 1.32
C GLU A 185 -0.58 -16.03 1.82
N THR A 186 -1.58 -16.49 2.54
CA THR A 186 -1.58 -17.86 3.00
C THR A 186 -2.14 -18.89 1.95
N ILE A 187 -2.67 -18.41 0.83
CA ILE A 187 -3.06 -19.43 -0.21
C ILE A 187 -1.88 -20.30 -0.72
N GLU A 188 -2.08 -21.62 -0.57
CA GLU A 188 -0.96 -22.51 -0.70
C GLU A 188 -0.36 -22.38 -2.09
N GLY A 189 0.95 -22.19 -2.17
CA GLY A 189 1.49 -22.16 -3.57
C GLY A 189 1.37 -20.77 -4.31
N SER A 190 0.59 -19.87 -3.68
CA SER A 190 0.15 -18.70 -4.48
C SER A 190 1.34 -17.91 -5.00
N SER A 191 2.46 -17.88 -4.26
CA SER A 191 3.58 -17.15 -4.94
C SER A 191 4.13 -17.58 -6.22
N LEU A 192 3.87 -18.89 -6.42
CA LEU A 192 4.40 -19.61 -7.60
C LEU A 192 3.38 -19.95 -8.67
N PHE A 193 2.12 -19.38 -8.46
CA PHE A 193 1.20 -19.60 -9.61
C PHE A 193 1.77 -19.01 -10.86
N PRO A 194 1.71 -19.76 -12.02
CA PRO A 194 2.52 -19.41 -13.15
C PRO A 194 2.08 -18.00 -13.62
N GLY A 195 0.77 -17.69 -13.46
CA GLY A 195 0.27 -16.34 -13.82
C GLY A 195 1.05 -15.22 -13.14
N HIS A 196 1.29 -15.48 -11.79
CA HIS A 196 2.00 -14.36 -11.12
C HIS A 196 3.53 -14.42 -11.51
N VAL A 197 4.12 -15.67 -11.49
CA VAL A 197 5.55 -15.80 -11.94
C VAL A 197 5.91 -15.09 -13.29
N GLN A 198 5.10 -15.41 -14.25
CA GLN A 198 5.42 -14.84 -15.54
C GLN A 198 5.18 -13.29 -15.60
N ALA A 199 4.14 -12.78 -14.91
CA ALA A 199 4.07 -11.31 -14.66
C ALA A 199 5.23 -10.70 -14.06
N TYR A 200 5.76 -11.28 -13.04
CA TYR A 200 6.96 -10.67 -12.49
C TYR A 200 8.32 -10.92 -13.37
N ALA A 201 8.39 -12.05 -14.13
CA ALA A 201 9.49 -12.17 -15.15
C ALA A 201 9.32 -11.11 -16.28
N GLU A 202 8.03 -10.80 -16.72
CA GLU A 202 7.85 -9.67 -17.71
C GLU A 202 8.28 -8.28 -17.16
N ALA A 203 8.01 -8.19 -15.90
CA ALA A 203 8.44 -7.01 -15.17
C ALA A 203 9.94 -6.87 -15.13
N VAL A 204 10.65 -7.95 -14.88
CA VAL A 204 12.11 -7.82 -14.97
C VAL A 204 12.53 -7.46 -16.44
N LYS A 205 11.91 -8.15 -17.37
CA LYS A 205 12.30 -7.96 -18.77
C LYS A 205 11.97 -6.58 -19.37
N SER A 206 10.94 -5.94 -18.78
CA SER A 206 10.48 -4.58 -19.14
C SER A 206 10.92 -3.36 -18.31
N GLY A 207 11.79 -3.66 -17.36
CA GLY A 207 12.19 -2.67 -16.40
C GLY A 207 11.14 -1.98 -15.48
N VAL A 208 10.18 -2.82 -15.12
CA VAL A 208 9.28 -2.36 -14.04
C VAL A 208 9.64 -2.85 -12.61
N HIS A 209 9.68 -1.89 -11.67
CA HIS A 209 10.09 -2.23 -10.24
C HIS A 209 9.04 -3.21 -9.64
N ARG A 210 9.53 -3.89 -8.65
CA ARG A 210 8.65 -4.92 -8.08
C ARG A 210 8.71 -4.91 -6.52
N THR A 211 7.51 -5.03 -5.97
CA THR A 211 7.40 -5.11 -4.52
C THR A 211 6.39 -6.31 -4.36
N VAL A 212 6.32 -6.90 -3.16
CA VAL A 212 5.38 -8.04 -2.98
C VAL A 212 5.00 -8.05 -1.53
N HIS A 213 3.69 -8.24 -1.28
CA HIS A 213 3.47 -8.48 0.18
C HIS A 213 3.89 -9.89 0.71
N ALA A 214 4.84 -9.99 1.64
CA ALA A 214 5.17 -11.35 2.08
C ALA A 214 5.72 -11.41 3.45
N GLY A 215 5.31 -12.42 4.18
CA GLY A 215 5.80 -12.51 5.60
C GLY A 215 5.06 -11.59 6.61
N GLU A 216 3.91 -11.08 6.16
CA GLU A 216 3.09 -10.28 7.13
C GLU A 216 2.32 -11.23 8.08
N VAL A 217 1.71 -12.18 7.37
CA VAL A 217 1.27 -13.38 8.13
C VAL A 217 1.68 -14.78 7.59
N GLY A 218 2.36 -14.74 6.44
CA GLY A 218 2.96 -16.02 6.03
C GLY A 218 4.28 -16.39 6.54
N SER A 219 4.63 -17.65 6.22
CA SER A 219 5.91 -18.10 6.85
C SER A 219 7.00 -17.42 6.18
N ALA A 220 8.14 -17.48 6.76
CA ALA A 220 9.26 -17.00 5.93
C ALA A 220 9.57 -17.58 4.53
N ASN A 221 8.99 -18.84 4.30
CA ASN A 221 9.21 -19.47 2.95
C ASN A 221 8.46 -18.58 1.85
N VAL A 222 7.37 -17.96 2.40
CA VAL A 222 6.79 -16.98 1.46
C VAL A 222 7.64 -15.76 1.08
N VAL A 223 8.32 -15.28 2.10
CA VAL A 223 9.29 -14.27 1.71
C VAL A 223 10.37 -14.77 0.75
N LYS A 224 10.90 -15.97 1.12
CA LYS A 224 12.00 -16.53 0.25
C LYS A 224 11.49 -16.73 -1.23
N GLU A 225 10.17 -17.13 -1.38
CA GLU A 225 9.68 -17.22 -2.76
C GLU A 225 9.57 -15.84 -3.49
N ALA A 226 9.12 -14.80 -2.63
CA ALA A 226 9.15 -13.47 -3.29
C ALA A 226 10.56 -12.94 -3.75
N VAL A 227 11.58 -13.20 -2.91
CA VAL A 227 12.97 -12.75 -3.28
C VAL A 227 13.62 -13.55 -4.44
N ASP A 228 13.45 -14.90 -4.29
CA ASP A 228 14.24 -15.84 -5.21
C ASP A 228 13.51 -16.18 -6.51
N THR A 229 12.19 -16.22 -6.37
CA THR A 229 11.49 -16.51 -7.65
C THR A 229 10.76 -15.28 -8.30
N LEU A 230 10.07 -14.45 -7.45
CA LEU A 230 9.47 -13.27 -8.14
C LEU A 230 10.50 -12.15 -8.32
N LYS A 231 11.73 -12.37 -7.72
CA LYS A 231 12.80 -11.38 -7.87
C LYS A 231 12.36 -9.92 -7.28
N THR A 232 11.61 -10.00 -6.14
CA THR A 232 11.14 -8.72 -5.65
C THR A 232 12.29 -7.73 -5.26
N GLU A 233 12.01 -6.47 -5.33
CA GLU A 233 13.03 -5.43 -4.85
C GLU A 233 12.80 -4.87 -3.39
N ARG A 234 11.51 -4.98 -2.95
CA ARG A 234 11.24 -4.55 -1.56
C ARG A 234 10.19 -5.53 -0.97
N LEU A 235 10.04 -5.58 0.34
CA LEU A 235 8.95 -6.42 0.88
C LEU A 235 7.81 -5.61 1.57
N GLY A 236 6.53 -6.00 1.31
CA GLY A 236 5.45 -5.39 2.06
C GLY A 236 5.46 -6.21 3.44
N HIS A 237 5.75 -5.46 4.57
CA HIS A 237 5.93 -6.05 5.92
C HIS A 237 7.18 -6.89 6.10
N GLY A 238 7.10 -8.17 5.74
CA GLY A 238 8.38 -8.93 5.75
C GLY A 238 8.73 -9.49 7.16
N TYR A 239 7.76 -9.28 8.06
CA TYR A 239 8.16 -9.53 9.46
C TYR A 239 8.53 -11.01 9.75
N HIS A 240 7.86 -11.99 9.12
CA HIS A 240 8.31 -13.41 9.44
C HIS A 240 9.62 -13.80 8.80
N THR A 241 10.24 -12.86 8.14
CA THR A 241 11.63 -13.06 7.79
C THR A 241 12.60 -13.40 8.99
N LEU A 242 12.14 -12.96 10.16
CA LEU A 242 13.00 -13.19 11.34
C LEU A 242 13.05 -14.70 11.73
N GLU A 243 12.05 -15.48 11.24
CA GLU A 243 12.08 -16.88 11.62
C GLU A 243 13.05 -17.87 10.85
N ASP A 244 13.77 -17.24 9.89
CA ASP A 244 14.75 -17.86 9.07
C ASP A 244 16.02 -17.06 9.09
N THR A 245 16.92 -17.52 10.03
CA THR A 245 18.11 -16.71 10.26
C THR A 245 18.98 -16.43 9.08
N THR A 246 19.27 -17.50 8.32
CA THR A 246 20.11 -17.23 7.13
C THR A 246 19.46 -16.29 6.04
N LEU A 247 18.20 -16.53 5.79
CA LEU A 247 17.51 -15.51 4.88
C LEU A 247 17.50 -14.01 5.48
N TYR A 248 17.28 -13.91 6.76
CA TYR A 248 17.37 -12.55 7.39
C TYR A 248 18.69 -11.96 7.21
N ASN A 249 19.68 -12.82 7.57
CA ASN A 249 21.05 -12.32 7.35
C ASN A 249 21.43 -11.95 5.92
N ARG A 250 21.01 -12.77 4.94
CA ARG A 250 21.23 -12.38 3.56
C ARG A 250 20.49 -11.09 3.09
N LEU A 251 19.24 -10.96 3.58
CA LEU A 251 18.44 -9.77 3.20
C LEU A 251 19.06 -8.48 3.88
N ARG A 252 19.49 -8.54 5.14
CA ARG A 252 20.34 -7.40 5.55
C ARG A 252 21.60 -7.10 4.77
N GLN A 253 22.24 -8.22 4.42
CA GLN A 253 23.32 -8.06 3.48
C GLN A 253 23.15 -7.39 2.14
N GLU A 254 22.04 -7.75 1.50
CA GLU A 254 21.87 -6.91 0.32
C GLU A 254 20.97 -5.72 0.47
N ASN A 255 20.81 -5.40 1.71
CA ASN A 255 20.13 -4.14 1.97
C ASN A 255 18.66 -4.02 1.50
N MET A 256 17.99 -5.15 1.62
CA MET A 256 16.58 -5.22 1.21
C MET A 256 15.75 -4.17 2.05
N HIS A 257 14.81 -3.55 1.41
CA HIS A 257 13.93 -2.59 2.07
C HIS A 257 12.65 -3.34 2.50
N PHE A 258 12.34 -3.16 3.74
CA PHE A 258 11.09 -3.59 4.35
C PHE A 258 10.04 -2.53 4.59
N GLU A 259 8.87 -2.63 3.99
CA GLU A 259 7.76 -1.64 4.17
C GLU A 259 6.94 -1.93 5.38
N ILE A 260 7.39 -1.28 6.47
CA ILE A 260 6.74 -1.69 7.73
C ILE A 260 5.49 -0.86 8.10
N CYS A 261 4.46 -1.58 8.70
CA CYS A 261 3.21 -0.91 8.90
C CYS A 261 2.65 -1.23 10.35
N PRO A 262 3.15 -0.58 11.42
CA PRO A 262 3.05 -1.00 12.82
C PRO A 262 1.68 -1.01 13.44
N TRP A 263 0.96 0.03 13.08
CA TRP A 263 -0.41 0.05 13.61
C TRP A 263 -1.35 -1.04 12.94
N SER A 264 -1.40 -1.01 11.60
CA SER A 264 -1.88 -2.16 10.84
C SER A 264 -1.44 -3.51 11.46
N SER A 265 -0.14 -3.71 11.74
CA SER A 265 0.36 -5.02 12.29
C SER A 265 -0.20 -5.52 13.68
N TYR A 266 -0.42 -4.54 14.55
CA TYR A 266 -1.21 -4.81 15.76
C TYR A 266 -2.70 -5.00 15.38
N LEU A 267 -3.30 -4.02 14.69
CA LEU A 267 -4.68 -4.31 14.36
C LEU A 267 -5.04 -5.54 13.69
N THR A 268 -4.20 -6.01 12.80
CA THR A 268 -4.66 -7.21 12.06
C THR A 268 -4.35 -8.49 12.82
N GLY A 269 -3.66 -8.47 13.97
CA GLY A 269 -3.35 -9.83 14.35
C GLY A 269 -1.96 -10.16 14.01
N ALA A 270 -1.43 -9.44 12.96
CA ALA A 270 -0.13 -9.90 12.51
C ALA A 270 0.89 -9.93 13.60
N TRP A 271 0.69 -8.97 14.51
CA TRP A 271 1.59 -8.76 15.68
C TRP A 271 0.83 -8.99 16.99
N LYS A 272 1.37 -9.88 17.82
CA LYS A 272 0.86 -10.10 19.17
C LYS A 272 1.48 -9.17 20.16
N PRO A 273 0.60 -8.35 20.77
CA PRO A 273 0.96 -7.35 21.79
C PRO A 273 2.02 -7.76 22.83
N ASP A 274 1.94 -9.04 23.33
CA ASP A 274 2.96 -9.66 24.24
C ASP A 274 4.34 -10.06 23.71
N THR A 275 4.72 -9.47 22.59
CA THR A 275 6.03 -9.86 22.14
C THR A 275 6.68 -8.66 21.52
N GLU A 276 8.01 -8.56 21.54
CA GLU A 276 8.66 -7.51 20.79
C GLU A 276 8.11 -7.34 19.35
N HIS A 277 7.75 -6.12 19.05
CA HIS A 277 7.48 -5.87 17.61
C HIS A 277 8.69 -6.04 16.73
N ALA A 278 8.47 -6.71 15.55
CA ALA A 278 9.62 -6.85 14.64
C ALA A 278 10.41 -5.62 14.24
N VAL A 279 9.75 -4.45 14.28
CA VAL A 279 10.43 -3.16 13.95
C VAL A 279 11.48 -2.72 14.98
N ILE A 280 11.27 -3.13 16.17
CA ILE A 280 12.43 -2.86 17.03
C ILE A 280 13.75 -3.63 16.77
N ARG A 281 13.46 -4.91 16.33
CA ARG A 281 14.64 -5.70 15.91
C ARG A 281 15.32 -5.08 14.71
N PHE A 282 14.38 -4.75 13.73
CA PHE A 282 14.93 -3.98 12.60
C PHE A 282 15.70 -2.76 12.97
N LYS A 283 15.09 -1.94 13.94
CA LYS A 283 15.82 -0.65 14.34
C LYS A 283 17.23 -0.92 14.87
N ASN A 284 17.21 -1.89 15.76
CA ASN A 284 18.51 -2.27 16.40
C ASN A 284 19.50 -2.89 15.49
N ASP A 285 19.05 -3.57 14.44
CA ASP A 285 19.97 -4.18 13.45
C ASP A 285 20.35 -3.25 12.32
N GLN A 286 19.87 -2.00 12.50
CA GLN A 286 19.99 -1.07 11.39
C GLN A 286 19.44 -1.51 10.04
N VAL A 287 18.34 -2.14 10.08
CA VAL A 287 17.88 -2.65 8.71
C VAL A 287 17.35 -1.40 7.79
N ASN A 288 17.20 -1.58 6.52
CA ASN A 288 16.53 -0.63 5.61
C ASN A 288 14.99 -0.92 5.62
N TYR A 289 14.31 0.02 6.35
CA TYR A 289 12.83 -0.01 6.43
C TYR A 289 12.24 1.41 6.52
N SER A 290 10.93 1.34 6.22
CA SER A 290 10.07 2.56 6.24
C SER A 290 8.84 2.33 7.16
N LEU A 291 8.14 3.47 7.45
CA LEU A 291 7.04 3.38 8.31
C LEU A 291 5.88 3.85 7.45
N ASN A 292 4.71 3.19 7.58
CA ASN A 292 3.68 3.34 6.65
C ASN A 292 2.33 2.96 7.24
N THR A 293 1.30 3.47 6.63
CA THR A 293 -0.09 3.41 7.18
C THR A 293 -0.98 2.21 6.74
N ASP A 294 -0.64 1.59 5.53
CA ASP A 294 -1.42 0.49 4.88
C ASP A 294 -2.84 0.90 4.41
N ASP A 295 -3.80 1.04 5.45
CA ASP A 295 -5.21 1.27 5.17
C ASP A 295 -5.77 2.26 6.30
N PRO A 296 -5.56 3.59 6.02
CA PRO A 296 -6.00 4.63 7.02
C PRO A 296 -7.53 4.69 7.41
N LEU A 297 -8.36 4.53 6.37
CA LEU A 297 -9.80 4.18 6.49
C LEU A 297 -10.09 3.01 7.43
N ILE A 298 -9.64 1.76 7.19
CA ILE A 298 -9.81 0.68 8.14
C ILE A 298 -9.21 0.81 9.51
N PHE A 299 -8.03 1.40 9.53
CA PHE A 299 -7.43 1.48 10.80
C PHE A 299 -7.69 2.77 11.67
N LYS A 300 -8.57 3.68 11.15
CA LYS A 300 -8.88 5.04 11.67
C LYS A 300 -7.66 5.78 12.15
N SER A 301 -6.67 5.80 11.22
CA SER A 301 -5.33 6.31 11.45
C SER A 301 -4.93 7.39 10.48
N THR A 302 -3.80 8.02 10.74
CA THR A 302 -3.18 8.84 9.68
C THR A 302 -1.74 8.48 9.85
N LEU A 303 -0.84 8.94 8.97
CA LEU A 303 0.57 8.63 9.33
C LEU A 303 1.22 8.78 10.72
N ASP A 304 0.65 9.84 11.40
CA ASP A 304 1.20 10.13 12.74
C ASP A 304 0.86 9.06 13.77
N THR A 305 -0.23 8.38 13.45
CA THR A 305 -0.50 7.18 14.33
C THR A 305 0.57 6.13 14.46
N ASP A 306 1.12 5.86 13.27
CA ASP A 306 2.28 4.94 13.23
C ASP A 306 3.53 5.48 13.94
N TYR A 307 3.72 6.84 13.67
CA TYR A 307 4.90 7.32 14.34
C TYR A 307 4.69 7.52 15.87
N GLN A 308 3.40 7.83 16.22
CA GLN A 308 3.17 7.93 17.71
C GLN A 308 3.30 6.58 18.45
N MET A 309 2.87 5.52 17.74
CA MET A 309 3.10 4.19 18.33
C MET A 309 4.54 3.90 18.55
N THR A 310 5.37 4.15 17.53
CA THR A 310 6.71 3.66 17.77
C THR A 310 7.52 4.56 18.73
N LYS A 311 7.31 5.93 18.62
CA LYS A 311 7.84 6.86 19.65
C LYS A 311 7.39 6.50 21.11
N LYS A 312 6.09 6.40 21.25
CA LYS A 312 5.52 6.12 22.54
C LYS A 312 5.82 4.77 23.11
N ASP A 313 5.35 3.88 22.31
CA ASP A 313 5.35 2.57 22.87
C ASP A 313 6.50 1.67 22.59
N MET A 314 7.68 2.22 22.24
CA MET A 314 8.87 1.60 21.68
C MET A 314 10.14 2.42 21.65
N GLY A 315 10.14 3.66 22.19
CA GLY A 315 11.48 4.28 22.34
C GLY A 315 12.12 4.92 21.14
N PHE A 316 11.41 4.94 19.99
CA PHE A 316 11.99 5.46 18.76
C PHE A 316 12.42 6.98 18.77
N THR A 317 13.61 7.22 18.35
CA THR A 317 13.96 8.66 18.45
C THR A 317 13.91 9.51 17.16
N GLU A 318 14.11 10.84 17.30
CA GLU A 318 13.99 11.62 16.07
C GLU A 318 14.99 11.17 15.05
N GLU A 319 16.12 10.87 15.60
CA GLU A 319 17.21 10.36 14.75
C GLU A 319 16.83 9.12 13.92
N GLU A 320 16.11 8.26 14.63
CA GLU A 320 15.69 7.02 13.93
C GLU A 320 14.71 7.32 12.80
N PHE A 321 13.69 8.12 13.16
CA PHE A 321 12.82 8.76 12.18
C PHE A 321 13.44 9.33 10.97
N LYS A 322 14.41 10.20 11.16
CA LYS A 322 15.16 10.74 10.00
C LYS A 322 15.82 9.63 9.12
N ARG A 323 16.47 8.67 9.83
CA ARG A 323 17.18 7.52 9.19
C ARG A 323 16.25 6.72 8.23
N LEU A 324 15.10 6.39 8.84
CA LEU A 324 14.16 5.56 8.16
C LEU A 324 13.56 6.26 6.99
N ASN A 325 13.31 7.62 7.10
CA ASN A 325 12.82 8.27 5.84
C ASN A 325 13.80 8.47 4.82
N ILE A 326 15.02 8.62 5.33
CA ILE A 326 16.06 8.70 4.25
C ILE A 326 16.22 7.26 3.50
N ASN A 327 16.04 6.17 4.28
CA ASN A 327 16.13 4.77 3.64
C ASN A 327 14.92 4.59 2.68
N ALA A 328 13.79 5.22 3.09
CA ALA A 328 12.64 5.14 2.18
C ALA A 328 12.87 5.76 0.84
N ALA A 329 13.52 6.98 0.97
CA ALA A 329 13.68 7.73 -0.32
C ALA A 329 14.68 7.01 -1.20
N LYS A 330 15.68 6.59 -0.45
CA LYS A 330 16.69 5.73 -1.19
C LYS A 330 16.18 4.37 -1.82
N SER A 331 15.08 3.90 -1.20
CA SER A 331 14.56 2.62 -1.73
C SER A 331 13.25 2.85 -2.58
N SER A 332 12.91 4.14 -2.89
CA SER A 332 11.75 4.40 -3.77
C SER A 332 12.02 3.95 -5.18
N PHE A 333 10.89 3.85 -5.94
CA PHE A 333 10.96 3.42 -7.32
C PHE A 333 10.97 4.61 -8.36
N LEU A 334 11.57 5.70 -7.94
CA LEU A 334 11.66 6.84 -8.91
C LEU A 334 12.94 6.65 -9.77
N PRO A 335 12.91 7.31 -10.96
CA PRO A 335 14.19 7.50 -11.68
C PRO A 335 15.30 8.00 -10.82
N GLU A 336 16.54 7.56 -11.04
CA GLU A 336 17.67 7.95 -10.19
C GLU A 336 17.92 9.45 -10.06
N ASP A 337 17.65 10.16 -11.12
CA ASP A 337 17.76 11.62 -10.97
C ASP A 337 16.75 12.26 -9.99
N GLU A 338 15.49 11.79 -10.20
CA GLU A 338 14.49 12.16 -9.20
C GLU A 338 14.62 11.79 -7.82
N LYS A 339 15.11 10.56 -7.61
CA LYS A 339 15.51 10.09 -6.30
C LYS A 339 16.49 10.90 -5.57
N LYS A 340 17.53 11.26 -6.34
CA LYS A 340 18.54 12.16 -5.64
C LYS A 340 18.02 13.61 -5.31
N GLU A 341 17.15 14.08 -6.17
CA GLU A 341 16.39 15.35 -5.86
C GLU A 341 15.58 15.30 -4.57
N LEU A 342 14.89 14.10 -4.44
CA LEU A 342 14.22 13.79 -3.13
C LEU A 342 15.15 13.74 -2.00
N LEU A 343 16.28 13.09 -2.21
CA LEU A 343 17.16 12.96 -1.08
C LEU A 343 17.71 14.32 -0.56
N ASP A 344 17.97 15.20 -1.54
CA ASP A 344 18.39 16.63 -1.23
C ASP A 344 17.34 17.42 -0.43
N LEU A 345 16.08 17.24 -0.86
CA LEU A 345 14.99 17.90 -0.14
C LEU A 345 14.97 17.46 1.34
N LEU A 346 15.11 16.11 1.52
CA LEU A 346 15.14 15.65 2.91
C LEU A 346 16.39 15.92 3.70
N TYR A 347 17.53 15.90 3.02
CA TYR A 347 18.76 16.21 3.80
C TYR A 347 18.70 17.70 4.29
N LYS A 348 18.33 18.56 3.37
CA LYS A 348 18.18 19.95 3.86
C LYS A 348 17.17 20.18 5.03
N ALA A 349 15.93 19.56 4.86
CA ALA A 349 14.88 19.68 5.88
C ALA A 349 15.28 19.14 7.19
N TYR A 350 16.08 18.03 7.10
CA TYR A 350 16.67 17.39 8.25
C TYR A 350 17.93 18.00 8.85
N ARG A 351 18.40 19.16 8.36
CA ARG A 351 19.41 19.69 9.29
C ARG A 351 19.20 21.04 10.04
#